data_8W8V
#
_entry.id   8W8V
#
_cell.length_a   54.044
_cell.length_b   67.581
_cell.length_c   88.354
_cell.angle_alpha   90.00
_cell.angle_beta   90.00
_cell.angle_gamma   90.00
#
_symmetry.space_group_name_H-M   'P 21 21 21'
#
loop_
_entity.id
_entity.type
_entity.pdbx_description
1 polymer Glucanase
2 branched beta-D-glucopyranose-(1-4)-beta-D-glucopyranose-(4-4)-alpha-D-glucopyranose
3 non-polymer beta-D-glucopyranose
4 non-polymer 'SODIUM ION'
5 non-polymer 'CHLORIDE ION'
6 non-polymer DI(HYDROXYETHYL)ETHER
7 water water
#
_entity_poly.entity_id   1
_entity_poly.type   'polypeptide(L)'
_entity_poly.pdbx_seq_one_letter_code
;SANNPWTGFQIFLSPYYANEVAAAAKQITDPTLSSKAASVANIPTFTWLDSVAKIPDLGTYLASASALGKSTGTKQLVQI
VIYDLPDRDCAAKASNGEFSIANNGQANYENYIDQIVAQIQQFPDVRVVAVIEPDSLANLVTNLNVQKCANAKTTYLACV
NYALTNLAKVGVYMYMDAGHAGWLGWPANLSPAAQLFTQVWQNAGKSPFIKGLATNVANYNALQAASPDPITQGNPNYDE
IHYINALAPLLQQAGWDATFIVDQGRSGVQNIRQQWGDWCNIKGAGFGTRPTTNTGSQFIDSIVWVKPGGECDGTSNSSS
PRYDSTCSLPDAAQPAPEAGTWFQAYFQTLVSAANPPL
;
_entity_poly.pdbx_strand_id   A
#
# COMPACT_ATOMS: atom_id res chain seq x y z
N SER A 1 -15.08 -10.88 -9.71
CA SER A 1 -15.49 -10.30 -11.00
C SER A 1 -14.80 -11.02 -12.11
N ALA A 2 -15.23 -10.83 -13.36
CA ALA A 2 -14.73 -11.54 -14.51
C ALA A 2 -13.30 -11.13 -14.82
N ASN A 3 -13.03 -9.84 -14.68
CA ASN A 3 -11.74 -9.26 -15.15
C ASN A 3 -10.88 -9.01 -13.91
N ASN A 4 -10.00 -9.98 -13.62
CA ASN A 4 -9.01 -9.82 -12.56
C ASN A 4 -7.83 -9.11 -13.20
N PRO A 5 -7.44 -7.90 -12.78
CA PRO A 5 -6.39 -7.18 -13.52
C PRO A 5 -5.11 -7.96 -13.74
N TRP A 6 -4.78 -8.90 -12.84
CA TRP A 6 -3.52 -9.63 -12.93
C TRP A 6 -3.54 -10.81 -13.88
N THR A 7 -4.70 -11.40 -14.14
CA THR A 7 -4.68 -12.64 -14.93
C THR A 7 -4.13 -12.34 -16.33
N GLY A 8 -3.18 -13.18 -16.75
CA GLY A 8 -2.68 -13.05 -18.11
C GLY A 8 -1.56 -12.01 -18.28
N PHE A 9 -1.14 -11.40 -17.17
CA PHE A 9 -0.08 -10.38 -17.20
C PHE A 9 1.10 -10.84 -16.36
N GLN A 10 2.29 -10.40 -16.75
N GLN A 10 2.24 -10.33 -16.76
CA GLN A 10 3.50 -10.47 -15.94
CA GLN A 10 3.44 -10.51 -15.93
C GLN A 10 3.61 -9.14 -15.19
C GLN A 10 3.74 -9.19 -15.22
N ILE A 11 3.89 -9.22 -13.90
CA ILE A 11 4.08 -8.01 -13.13
C ILE A 11 5.51 -7.52 -13.31
N PHE A 12 5.65 -6.27 -13.69
CA PHE A 12 6.96 -5.62 -13.80
C PHE A 12 7.52 -5.43 -12.39
N LEU A 13 8.71 -5.95 -12.12
CA LEU A 13 9.26 -5.84 -10.79
C LEU A 13 9.73 -4.43 -10.52
N SER A 14 9.49 -3.93 -9.31
CA SER A 14 9.87 -2.57 -8.98
C SER A 14 11.37 -2.38 -9.09
N PRO A 15 11.85 -1.46 -9.93
CA PRO A 15 13.28 -1.22 -9.94
C PRO A 15 13.76 -0.48 -8.71
N TYR A 16 12.86 0.31 -8.14
CA TYR A 16 13.20 1.10 -6.93
C TYR A 16 13.48 0.15 -5.78
N TYR A 17 12.53 -0.77 -5.53
CA TYR A 17 12.75 -1.75 -4.50
C TYR A 17 13.90 -2.68 -4.83
N ALA A 18 14.06 -3.04 -6.11
CA ALA A 18 15.15 -3.94 -6.47
C ALA A 18 16.48 -3.32 -6.11
N ASN A 19 16.62 -2.03 -6.35
N ASN A 19 16.66 -2.02 -6.31
CA ASN A 19 17.90 -1.38 -6.01
CA ASN A 19 17.91 -1.36 -5.96
C ASN A 19 18.10 -1.36 -4.51
C ASN A 19 18.15 -1.36 -4.45
N GLU A 20 17.06 -1.09 -3.71
CA GLU A 20 17.18 -1.13 -2.27
C GLU A 20 17.54 -2.52 -1.78
N VAL A 21 16.88 -3.54 -2.31
CA VAL A 21 17.10 -4.92 -1.85
C VAL A 21 18.49 -5.40 -2.26
N ALA A 22 18.95 -5.05 -3.45
CA ALA A 22 20.29 -5.55 -3.84
C ALA A 22 21.33 -4.97 -2.89
N ALA A 23 21.23 -3.72 -2.54
CA ALA A 23 22.18 -3.09 -1.64
C ALA A 23 22.07 -3.70 -0.27
N ALA A 24 20.82 -3.96 0.17
CA ALA A 24 20.58 -4.54 1.47
C ALA A 24 21.13 -5.98 1.54
N ALA A 25 20.95 -6.79 0.51
CA ALA A 25 21.38 -8.20 0.54
C ALA A 25 22.86 -8.29 0.64
N LYS A 26 23.59 -7.38 -0.01
N LYS A 26 23.60 -7.32 0.13
CA LYS A 26 25.04 -7.46 0.09
CA LYS A 26 25.07 -7.32 0.07
C LYS A 26 25.56 -7.17 1.50
C LYS A 26 25.60 -7.12 1.50
N GLN A 27 24.78 -6.57 2.39
CA GLN A 27 25.18 -6.24 3.72
C GLN A 27 24.77 -7.30 4.73
N ILE A 28 23.95 -8.24 4.33
CA ILE A 28 23.55 -9.36 5.19
C ILE A 28 24.70 -10.35 5.10
N THR A 29 25.23 -10.74 6.24
N THR A 29 25.16 -10.69 6.29
CA THR A 29 26.54 -11.36 6.22
CA THR A 29 26.30 -11.43 6.72
C THR A 29 26.47 -12.89 6.25
C THR A 29 26.46 -12.79 6.00
N ASP A 30 25.51 -13.38 7.05
N ASP A 30 25.43 -13.60 6.29
CA ASP A 30 25.10 -14.79 7.13
CA ASP A 30 25.39 -15.04 5.99
C ASP A 30 24.58 -15.11 5.71
C ASP A 30 25.03 -15.22 4.51
N PRO A 31 25.35 -16.00 5.15
N PRO A 31 25.75 -16.00 3.73
CA PRO A 31 25.33 -16.28 3.72
CA PRO A 31 25.45 -16.10 2.29
C PRO A 31 23.94 -16.62 3.23
C PRO A 31 24.07 -16.66 1.99
N THR A 32 23.32 -17.46 4.06
N THR A 32 23.56 -17.64 2.75
CA THR A 32 22.15 -18.15 3.50
CA THR A 32 22.24 -18.15 2.49
C THR A 32 21.01 -17.17 3.57
C THR A 32 21.16 -17.12 2.85
N LEU A 33 21.15 -16.35 4.59
N LEU A 33 21.18 -16.43 3.97
CA LEU A 33 20.20 -15.24 4.48
CA LEU A 33 20.14 -15.51 4.41
C LEU A 33 20.40 -14.26 3.32
C LEU A 33 20.22 -14.19 3.63
N SER A 34 21.60 -13.98 2.84
N SER A 34 21.48 -13.78 3.50
CA SER A 34 21.74 -12.99 1.79
CA SER A 34 21.80 -12.84 2.44
C SER A 34 21.07 -13.41 0.50
C SER A 34 21.25 -13.27 1.09
N SER A 35 21.22 -14.69 0.09
N SER A 35 21.40 -14.54 0.74
CA SER A 35 20.53 -15.17 -1.11
CA SER A 35 20.88 -14.96 -0.57
C SER A 35 19.01 -15.05 -0.96
C SER A 35 19.35 -14.95 -0.57
N LYS A 36 18.47 -15.39 0.22
N LYS A 36 18.67 -15.36 0.50
CA LYS A 36 17.03 -15.20 0.44
CA LYS A 36 17.22 -15.22 0.61
C LYS A 36 16.68 -13.72 0.40
C LYS A 36 16.73 -13.79 0.44
N ALA A 37 17.47 -12.86 1.05
CA ALA A 37 17.16 -11.45 0.98
C ALA A 37 17.17 -10.97 -0.49
N ALA A 38 18.19 -11.41 -1.24
CA ALA A 38 18.25 -10.95 -2.65
C ALA A 38 17.03 -11.42 -3.44
N SER A 39 16.52 -12.61 -3.06
CA SER A 39 15.37 -13.13 -3.81
C SER A 39 14.12 -12.27 -3.66
N VAL A 40 14.10 -11.43 -2.61
CA VAL A 40 12.96 -10.53 -2.42
C VAL A 40 12.77 -9.59 -3.59
N ALA A 41 13.89 -9.25 -4.28
CA ALA A 41 13.76 -8.36 -5.45
C ALA A 41 12.97 -8.97 -6.59
N ASN A 42 12.75 -10.28 -6.55
CA ASN A 42 11.95 -10.97 -7.54
C ASN A 42 10.48 -11.13 -7.13
N ILE A 43 10.09 -10.52 -6.00
CA ILE A 43 8.73 -10.60 -5.49
C ILE A 43 8.03 -9.30 -5.89
N PRO A 44 6.91 -9.34 -6.57
CA PRO A 44 6.31 -8.08 -7.03
C PRO A 44 5.80 -7.23 -5.87
N THR A 45 6.08 -5.94 -5.97
CA THR A 45 5.65 -4.95 -4.99
C THR A 45 5.11 -3.73 -5.70
N PHE A 46 4.42 -2.88 -4.94
CA PHE A 46 3.95 -1.59 -5.43
C PHE A 46 5.04 -0.53 -5.22
N THR A 47 5.20 0.34 -6.23
CA THR A 47 6.14 1.44 -6.14
C THR A 47 5.35 2.72 -5.82
N TRP A 48 5.79 3.44 -4.82
CA TRP A 48 5.04 4.59 -4.33
C TRP A 48 5.46 5.87 -5.00
N LEU A 49 4.45 6.60 -5.50
CA LEU A 49 4.68 7.94 -6.05
C LEU A 49 4.42 8.92 -4.92
N ASP A 50 5.32 8.92 -3.93
CA ASP A 50 5.15 9.71 -2.71
C ASP A 50 5.66 11.13 -2.86
N SER A 51 6.15 11.47 -4.02
CA SER A 51 6.50 12.86 -4.35
C SER A 51 6.45 13.03 -5.83
N VAL A 52 6.31 14.32 -6.15
N VAL A 52 6.26 14.28 -6.30
CA VAL A 52 6.18 14.54 -7.59
CA VAL A 52 6.26 14.65 -7.69
C VAL A 52 7.53 14.27 -8.23
C VAL A 52 7.56 14.32 -8.39
N ALA A 53 8.64 14.28 -7.45
N ALA A 53 8.66 14.38 -7.63
CA ALA A 53 9.92 13.80 -7.99
CA ALA A 53 9.95 14.14 -8.30
C ALA A 53 9.99 12.35 -8.44
C ALA A 53 9.98 12.76 -8.95
N LYS A 54 9.01 11.56 -7.99
N LYS A 54 9.18 11.81 -8.47
CA LYS A 54 8.88 10.18 -8.50
CA LYS A 54 9.27 10.43 -8.97
C LYS A 54 8.23 10.14 -9.88
C LYS A 54 8.46 10.14 -10.23
N ILE A 55 7.66 11.15 -10.57
CA ILE A 55 6.84 10.91 -11.79
C ILE A 55 7.69 10.53 -13.01
N PRO A 56 8.86 11.13 -13.28
CA PRO A 56 9.66 10.63 -14.42
C PRO A 56 10.10 9.19 -14.21
N ASP A 57 10.29 8.73 -13.00
N ASP A 57 10.29 8.78 -12.95
CA ASP A 57 10.60 7.30 -12.86
CA ASP A 57 10.56 7.42 -12.47
C ASP A 57 9.41 6.43 -13.20
C ASP A 57 9.45 6.55 -13.09
N LEU A 58 8.17 6.88 -12.89
CA LEU A 58 7.03 6.14 -13.45
C LEU A 58 7.18 6.01 -14.95
N GLY A 59 7.52 7.14 -15.63
CA GLY A 59 7.71 7.05 -17.06
C GLY A 59 8.73 5.99 -17.46
N THR A 60 9.86 5.95 -16.73
CA THR A 60 10.85 4.94 -17.08
C THR A 60 10.30 3.52 -16.82
N TYR A 61 9.56 3.32 -15.75
CA TYR A 61 9.05 1.99 -15.47
C TYR A 61 8.11 1.53 -16.57
N LEU A 62 7.22 2.44 -17.03
CA LEU A 62 6.30 2.09 -18.08
C LEU A 62 7.05 1.71 -19.38
N ALA A 63 8.04 2.54 -19.75
CA ALA A 63 8.78 2.26 -20.97
C ALA A 63 9.61 0.97 -20.86
N SER A 64 10.18 0.75 -19.68
CA SER A 64 10.96 -0.50 -19.46
C SER A 64 10.03 -1.70 -19.50
N ALA A 65 8.88 -1.61 -18.89
CA ALA A 65 7.90 -2.69 -18.95
C ALA A 65 7.48 -2.95 -20.38
N SER A 66 7.22 -1.91 -21.15
CA SER A 66 6.81 -2.11 -22.55
C SER A 66 7.87 -2.91 -23.29
N ALA A 67 9.14 -2.52 -23.14
CA ALA A 67 10.20 -3.24 -23.87
C ALA A 67 10.39 -4.67 -23.37
N LEU A 68 10.28 -4.89 -22.07
CA LEU A 68 10.40 -6.24 -21.52
C LEU A 68 9.27 -7.11 -22.05
N GLY A 69 8.05 -6.56 -22.15
CA GLY A 69 6.97 -7.33 -22.71
C GLY A 69 7.23 -7.74 -24.15
N LYS A 70 7.77 -6.80 -24.93
CA LYS A 70 8.06 -7.13 -26.33
C LYS A 70 9.15 -8.18 -26.44
N SER A 71 10.16 -8.11 -25.58
CA SER A 71 11.28 -9.04 -25.63
C SER A 71 10.88 -10.46 -25.24
N THR A 72 9.93 -10.66 -24.34
N THR A 72 9.81 -10.48 -24.49
CA THR A 72 9.70 -11.89 -23.60
CA THR A 72 9.34 -11.77 -24.04
C THR A 72 8.34 -12.55 -23.95
C THR A 72 8.00 -12.19 -24.62
N GLY A 73 7.62 -11.89 -24.84
N GLY A 73 7.35 -11.37 -25.45
CA GLY A 73 6.33 -12.39 -25.32
CA GLY A 73 5.98 -11.77 -25.83
C GLY A 73 5.25 -12.25 -24.27
C GLY A 73 4.97 -11.78 -24.69
N THR A 74 5.21 -11.08 -23.58
CA THR A 74 4.29 -10.97 -22.47
C THR A 74 3.64 -9.59 -22.42
N LYS A 75 2.51 -9.54 -21.74
CA LYS A 75 1.85 -8.30 -21.38
C LYS A 75 2.27 -7.93 -19.94
N GLN A 76 2.78 -6.72 -19.78
CA GLN A 76 3.34 -6.31 -18.51
C GLN A 76 2.38 -5.38 -17.75
N LEU A 77 2.50 -5.46 -16.41
CA LEU A 77 1.63 -4.74 -15.48
C LEU A 77 2.52 -4.02 -14.49
N VAL A 78 2.32 -2.71 -14.35
CA VAL A 78 3.06 -1.86 -13.43
C VAL A 78 2.16 -1.47 -12.25
N GLN A 79 2.69 -1.68 -11.04
CA GLN A 79 1.95 -1.46 -9.79
C GLN A 79 2.43 -0.19 -9.09
N ILE A 80 1.53 0.75 -8.89
CA ILE A 80 1.89 2.03 -8.29
C ILE A 80 0.94 2.39 -7.15
N VAL A 81 1.46 3.28 -6.27
CA VAL A 81 0.66 3.87 -5.21
C VAL A 81 0.63 5.39 -5.45
N ILE A 82 -0.58 5.94 -5.46
CA ILE A 82 -0.79 7.40 -5.51
C ILE A 82 -0.83 7.86 -4.05
N TYR A 83 0.20 8.62 -3.64
CA TYR A 83 0.35 8.97 -2.22
C TYR A 83 0.99 10.34 -2.09
N ASP A 84 0.20 11.39 -2.40
CA ASP A 84 0.77 12.74 -2.28
C ASP A 84 -0.30 13.76 -1.98
N LEU A 85 -1.34 13.40 -1.22
CA LEU A 85 -2.36 14.39 -0.90
C LEU A 85 -1.76 15.57 -0.17
N PRO A 86 -2.33 16.75 -0.36
CA PRO A 86 -1.96 17.88 0.50
C PRO A 86 -2.47 17.57 1.91
N ASP A 87 -1.71 18.06 2.92
CA ASP A 87 -1.99 17.70 4.29
C ASP A 87 -2.11 16.16 4.43
N ARG A 88 -1.13 15.48 3.84
CA ARG A 88 -1.07 14.03 3.85
C ARG A 88 -0.97 13.53 5.29
N ASP A 89 -1.49 12.32 5.53
CA ASP A 89 -1.27 11.63 6.79
C ASP A 89 -1.85 12.44 7.95
N CYS A 90 -3.15 12.82 7.82
CA CYS A 90 -3.66 13.88 8.66
C CYS A 90 -3.81 13.51 10.14
N ALA A 91 -3.84 12.22 10.46
CA ALA A 91 -3.96 11.77 11.83
C ALA A 91 -2.66 11.33 12.43
N ALA A 92 -1.54 11.68 11.83
CA ALA A 92 -0.23 11.29 12.36
C ALA A 92 0.81 12.30 11.90
N LYS A 93 2.04 12.12 12.37
CA LYS A 93 3.09 13.09 12.07
C LYS A 93 4.13 12.57 11.09
N ALA A 94 4.28 11.24 10.97
CA ALA A 94 5.49 10.67 10.41
C ALA A 94 5.61 10.81 8.89
N SER A 95 4.48 10.90 8.18
CA SER A 95 4.46 10.88 6.74
C SER A 95 3.87 12.15 6.15
N ASN A 96 3.91 13.25 6.87
N ASN A 96 4.04 13.27 6.85
CA ASN A 96 3.53 14.52 6.26
CA ASN A 96 3.83 14.59 6.25
C ASN A 96 4.37 14.71 5.01
C ASN A 96 4.51 14.65 4.88
N GLY A 97 3.78 15.27 3.96
CA GLY A 97 4.31 15.31 2.58
C GLY A 97 4.59 16.77 2.13
N GLU A 98 4.87 16.84 0.84
CA GLU A 98 5.38 18.07 0.26
C GLU A 98 4.29 19.11 0.01
N PHE A 99 3.00 18.74 -0.05
CA PHE A 99 1.96 19.68 -0.34
C PHE A 99 1.11 19.94 0.90
N SER A 100 0.67 21.21 1.01
CA SER A 100 -0.18 21.63 2.10
C SER A 100 -1.42 22.30 1.54
N ILE A 101 -2.55 22.06 2.22
CA ILE A 101 -3.80 22.65 1.75
C ILE A 101 -3.70 24.16 1.70
N ALA A 102 -3.07 24.73 2.70
CA ALA A 102 -2.98 26.20 2.80
C ALA A 102 -2.14 26.83 1.70
N ASN A 103 -1.26 26.09 1.08
CA ASN A 103 -0.41 26.59 0.01
C ASN A 103 -0.79 25.84 -1.27
N ASN A 104 -1.96 26.16 -1.83
CA ASN A 104 -2.32 25.68 -3.15
C ASN A 104 -2.27 24.15 -3.22
N GLY A 105 -2.62 23.48 -2.13
CA GLY A 105 -2.34 22.03 -2.08
C GLY A 105 -3.13 21.27 -3.11
N GLN A 106 -4.42 21.56 -3.22
CA GLN A 106 -5.25 20.87 -4.19
C GLN A 106 -4.76 21.12 -5.64
N ALA A 107 -4.42 22.38 -5.95
CA ALA A 107 -3.94 22.66 -7.29
C ALA A 107 -2.64 21.93 -7.58
N ASN A 108 -1.75 21.87 -6.56
N ASN A 108 -1.73 21.94 -6.61
CA ASN A 108 -0.52 21.11 -6.72
CA ASN A 108 -0.49 21.16 -6.79
C ASN A 108 -0.78 19.64 -6.97
C ASN A 108 -0.81 19.69 -6.93
N TYR A 109 -1.75 19.12 -6.17
CA TYR A 109 -2.06 17.70 -6.31
C TYR A 109 -2.64 17.37 -7.67
N GLU A 110 -3.53 18.24 -8.16
CA GLU A 110 -4.12 17.95 -9.47
C GLU A 110 -3.09 18.02 -10.57
N ASN A 111 -2.09 18.92 -10.42
CA ASN A 111 -0.98 18.92 -11.35
C ASN A 111 -0.13 17.64 -11.28
N TYR A 112 0.06 17.14 -10.05
CA TYR A 112 0.72 15.84 -9.88
C TYR A 112 -0.04 14.73 -10.60
N ILE A 113 -1.38 14.68 -10.45
CA ILE A 113 -2.16 13.69 -11.17
C ILE A 113 -2.00 13.91 -12.69
N ASP A 114 -2.08 15.16 -13.15
CA ASP A 114 -1.98 15.39 -14.59
C ASP A 114 -0.68 14.84 -15.13
N GLN A 115 0.43 15.03 -14.39
CA GLN A 115 1.70 14.56 -14.86
C GLN A 115 1.76 13.03 -14.91
N ILE A 116 1.14 12.37 -13.92
CA ILE A 116 1.05 10.90 -13.92
C ILE A 116 0.23 10.40 -15.12
N VAL A 117 -0.93 11.03 -15.33
CA VAL A 117 -1.76 10.66 -16.47
C VAL A 117 -1.00 10.80 -17.77
N ALA A 118 -0.25 11.91 -17.89
CA ALA A 118 0.47 12.18 -19.13
C ALA A 118 1.52 11.14 -19.41
N GLN A 119 2.16 10.59 -18.36
CA GLN A 119 3.08 9.47 -18.54
C GLN A 119 2.32 8.23 -19.00
N ILE A 120 1.27 7.85 -18.24
CA ILE A 120 0.57 6.60 -18.51
C ILE A 120 -0.01 6.59 -19.92
N GLN A 121 -0.50 7.73 -20.40
CA GLN A 121 -1.11 7.84 -21.71
C GLN A 121 -0.16 7.42 -22.82
N GLN A 122 1.16 7.54 -22.61
CA GLN A 122 2.12 7.28 -23.67
C GLN A 122 2.45 5.82 -23.86
N PHE A 123 1.96 4.93 -22.95
CA PHE A 123 2.39 3.51 -22.96
C PHE A 123 1.15 2.62 -22.90
N PRO A 124 0.30 2.66 -23.93
CA PRO A 124 -0.95 1.96 -23.84
C PRO A 124 -0.79 0.41 -23.84
N ASP A 125 0.35 -0.15 -24.22
N ASP A 125 0.38 -0.11 -24.19
CA ASP A 125 0.44 -1.61 -24.12
CA ASP A 125 0.62 -1.54 -24.15
C ASP A 125 0.84 -2.09 -22.73
C ASP A 125 0.99 -2.06 -22.77
N VAL A 126 1.00 -1.19 -21.76
CA VAL A 126 1.33 -1.58 -20.39
C VAL A 126 0.08 -1.36 -19.52
N ARG A 127 -0.29 -2.35 -18.75
CA ARG A 127 -1.37 -2.19 -17.77
C ARG A 127 -0.82 -1.56 -16.50
N VAL A 128 -1.64 -0.74 -15.87
CA VAL A 128 -1.28 -0.12 -14.60
C VAL A 128 -2.37 -0.45 -13.58
N VAL A 129 -1.93 -0.87 -12.40
CA VAL A 129 -2.79 -0.99 -11.22
C VAL A 129 -2.30 0.01 -10.20
N ALA A 130 -3.23 0.83 -9.70
CA ALA A 130 -2.90 1.85 -8.72
C ALA A 130 -3.73 1.69 -7.46
N VAL A 131 -3.04 1.77 -6.32
CA VAL A 131 -3.70 1.95 -5.02
C VAL A 131 -3.82 3.47 -4.81
N ILE A 132 -5.04 3.92 -4.49
CA ILE A 132 -5.31 5.35 -4.37
C ILE A 132 -5.29 5.78 -2.91
N GLU A 133 -4.24 6.56 -2.58
CA GLU A 133 -4.11 7.35 -1.36
C GLU A 133 -4.36 6.57 -0.07
N PRO A 134 -3.45 5.67 0.27
CA PRO A 134 -3.48 5.00 1.59
C PRO A 134 -3.77 5.96 2.71
N ASP A 135 -4.69 5.50 3.58
CA ASP A 135 -5.10 6.12 4.85
C ASP A 135 -6.12 7.23 4.71
N SER A 136 -6.21 7.85 3.52
CA SER A 136 -6.98 9.11 3.42
C SER A 136 -8.47 8.89 3.73
N LEU A 137 -9.09 7.97 3.00
CA LEU A 137 -10.54 7.76 3.20
C LEU A 137 -10.82 7.16 4.58
N ALA A 138 -9.95 6.25 5.06
CA ALA A 138 -10.15 5.71 6.39
C ALA A 138 -10.09 6.81 7.44
N ASN A 139 -9.19 7.76 7.30
CA ASN A 139 -9.15 8.90 8.20
C ASN A 139 -10.45 9.71 8.17
N LEU A 140 -11.07 9.81 6.99
CA LEU A 140 -12.32 10.53 6.87
C LEU A 140 -13.51 9.74 7.44
N VAL A 141 -13.36 8.45 7.75
CA VAL A 141 -14.39 7.72 8.44
C VAL A 141 -14.25 7.87 9.95
N THR A 142 -13.08 7.62 10.51
CA THR A 142 -12.94 7.54 11.96
C THR A 142 -12.32 8.74 12.63
N ASN A 143 -11.74 9.65 11.84
CA ASN A 143 -10.89 10.70 12.40
C ASN A 143 -11.40 12.10 12.09
N LEU A 144 -12.71 12.26 11.91
CA LEU A 144 -13.22 13.63 11.66
C LEU A 144 -13.13 14.53 12.87
N ASN A 145 -12.91 13.91 14.06
N ASN A 145 -12.76 14.07 14.09
CA ASN A 145 -12.65 14.75 15.24
CA ASN A 145 -12.48 14.96 15.23
C ASN A 145 -11.19 15.24 15.28
C ASN A 145 -11.03 15.40 15.29
N VAL A 146 -10.29 14.66 14.46
CA VAL A 146 -8.91 15.19 14.33
C VAL A 146 -9.04 16.43 13.45
N GLN A 147 -8.73 17.60 14.02
CA GLN A 147 -9.06 18.82 13.27
C GLN A 147 -8.31 18.89 11.95
N LYS A 148 -7.08 18.42 11.87
CA LYS A 148 -6.39 18.44 10.59
C LYS A 148 -7.16 17.63 9.55
N CYS A 149 -7.68 16.47 9.94
CA CYS A 149 -8.46 15.68 9.02
C CYS A 149 -9.82 16.32 8.68
N ALA A 150 -10.49 16.87 9.70
CA ALA A 150 -11.76 17.58 9.43
C ALA A 150 -11.55 18.70 8.41
N ASN A 151 -10.49 19.49 8.63
CA ASN A 151 -10.24 20.62 7.77
C ASN A 151 -9.72 20.17 6.39
N ALA A 152 -9.25 18.95 6.26
CA ALA A 152 -8.79 18.39 5.01
C ALA A 152 -9.88 17.68 4.23
N LYS A 153 -11.04 17.41 4.83
CA LYS A 153 -11.99 16.50 4.20
C LYS A 153 -12.39 16.95 2.79
N THR A 154 -12.78 18.20 2.63
CA THR A 154 -13.25 18.61 1.30
C THR A 154 -12.09 18.48 0.30
N THR A 155 -10.88 18.84 0.70
CA THR A 155 -9.75 18.74 -0.20
C THR A 155 -9.41 17.29 -0.54
N TYR A 156 -9.41 16.41 0.48
CA TYR A 156 -9.15 15.01 0.19
C TYR A 156 -10.16 14.48 -0.80
N LEU A 157 -11.45 14.76 -0.58
CA LEU A 157 -12.48 14.22 -1.49
C LEU A 157 -12.28 14.76 -2.88
N ALA A 158 -11.96 16.04 -3.02
CA ALA A 158 -11.73 16.63 -4.34
C ALA A 158 -10.53 15.99 -5.01
N CYS A 159 -9.45 15.81 -4.26
CA CYS A 159 -8.23 15.26 -4.84
C CYS A 159 -8.40 13.81 -5.24
N VAL A 160 -8.99 12.99 -4.34
CA VAL A 160 -9.25 11.61 -4.69
C VAL A 160 -10.17 11.52 -5.91
N ASN A 161 -11.20 12.39 -5.96
CA ASN A 161 -12.05 12.35 -7.12
C ASN A 161 -11.30 12.69 -8.40
N TYR A 162 -10.40 13.69 -8.32
CA TYR A 162 -9.62 14.06 -9.48
C TYR A 162 -8.76 12.93 -9.96
N ALA A 163 -8.11 12.24 -9.00
CA ALA A 163 -7.28 11.09 -9.33
C ALA A 163 -8.09 9.98 -10.01
N LEU A 164 -9.22 9.60 -9.40
CA LEU A 164 -10.02 8.51 -9.96
C LEU A 164 -10.53 8.87 -11.35
N THR A 165 -11.08 10.10 -11.48
CA THR A 165 -11.69 10.53 -12.71
C THR A 165 -10.70 10.54 -13.87
N ASN A 166 -9.49 11.07 -13.58
CA ASN A 166 -8.52 11.25 -14.64
C ASN A 166 -7.68 9.99 -14.92
N LEU A 167 -7.33 9.22 -13.89
CA LEU A 167 -6.66 7.96 -14.16
C LEU A 167 -7.56 6.99 -14.93
N ALA A 168 -8.88 7.08 -14.71
CA ALA A 168 -9.80 6.23 -15.49
C ALA A 168 -9.69 6.51 -16.99
N LYS A 169 -9.40 7.74 -17.36
CA LYS A 169 -9.32 8.10 -18.78
C LYS A 169 -8.19 7.43 -19.51
N VAL A 170 -7.20 6.94 -18.77
CA VAL A 170 -6.06 6.20 -19.35
C VAL A 170 -6.12 4.74 -18.90
N GLY A 171 -7.29 4.28 -18.44
CA GLY A 171 -7.51 2.85 -18.31
C GLY A 171 -6.78 2.20 -17.14
N VAL A 172 -6.44 2.96 -16.11
CA VAL A 172 -5.76 2.44 -14.92
C VAL A 172 -6.75 1.70 -14.06
N TYR A 173 -6.39 0.49 -13.65
CA TYR A 173 -7.21 -0.25 -12.70
C TYR A 173 -6.89 0.21 -11.29
N MET A 174 -7.93 0.61 -10.57
CA MET A 174 -7.75 1.31 -9.31
C MET A 174 -8.45 0.61 -8.15
N TYR A 175 -7.73 0.61 -7.02
CA TYR A 175 -8.24 0.14 -5.74
C TYR A 175 -8.09 1.30 -4.77
N MET A 176 -9.19 1.85 -4.28
N MET A 176 -9.24 1.72 -4.26
CA MET A 176 -9.09 2.98 -3.34
CA MET A 176 -9.18 2.82 -3.28
C MET A 176 -8.75 2.41 -1.97
C MET A 176 -8.69 2.30 -1.95
N ASP A 177 -7.82 3.05 -1.25
CA ASP A 177 -7.42 2.49 0.05
C ASP A 177 -8.61 2.50 1.01
N ALA A 178 -8.67 1.42 1.81
CA ALA A 178 -9.78 1.20 2.72
C ALA A 178 -9.31 0.73 4.10
N GLY A 179 -8.18 1.22 4.58
CA GLY A 179 -7.83 0.90 5.96
C GLY A 179 -7.61 -0.60 6.12
N HIS A 180 -8.04 -1.14 7.27
CA HIS A 180 -7.80 -2.53 7.61
C HIS A 180 -8.86 -2.93 8.67
N ALA A 181 -8.83 -4.21 9.04
CA ALA A 181 -9.86 -4.74 9.92
C ALA A 181 -9.94 -4.04 11.26
N GLY A 182 -8.79 -3.57 11.79
CA GLY A 182 -8.77 -2.90 13.06
C GLY A 182 -9.12 -1.42 13.00
N TRP A 183 -9.38 -0.94 11.80
CA TRP A 183 -9.62 0.47 11.54
C TRP A 183 -11.10 0.60 11.12
N LEU A 184 -11.41 0.13 9.93
CA LEU A 184 -12.76 0.19 9.37
C LEU A 184 -13.54 -1.10 9.55
N GLY A 185 -12.89 -2.21 10.00
CA GLY A 185 -13.59 -3.46 10.09
C GLY A 185 -14.39 -3.66 11.34
N TRP A 186 -14.22 -2.82 12.35
CA TRP A 186 -15.16 -2.80 13.49
C TRP A 186 -16.55 -2.76 12.89
N PRO A 187 -17.47 -3.65 13.36
CA PRO A 187 -18.82 -3.64 12.78
C PRO A 187 -19.45 -2.27 12.69
N ALA A 188 -19.27 -1.43 13.73
CA ALA A 188 -19.89 -0.11 13.73
C ALA A 188 -19.29 0.85 12.71
N ASN A 189 -18.06 0.58 12.22
CA ASN A 189 -17.48 1.44 11.21
C ASN A 189 -17.79 0.99 9.78
N LEU A 190 -18.34 -0.23 9.62
CA LEU A 190 -18.52 -0.75 8.27
C LEU A 190 -19.46 0.12 7.45
N SER A 191 -20.62 0.48 8.03
CA SER A 191 -21.57 1.26 7.24
C SER A 191 -21.10 2.68 6.96
N PRO A 192 -20.56 3.42 7.91
CA PRO A 192 -20.00 4.73 7.51
C PRO A 192 -18.91 4.59 6.45
N ALA A 193 -18.09 3.54 6.53
CA ALA A 193 -17.08 3.34 5.49
C ALA A 193 -17.73 3.08 4.14
N ALA A 194 -18.69 2.12 4.10
CA ALA A 194 -19.34 1.81 2.83
C ALA A 194 -20.02 3.04 2.25
N GLN A 195 -20.64 3.87 3.12
CA GLN A 195 -21.31 5.06 2.62
C GLN A 195 -20.30 6.02 1.95
N LEU A 196 -19.12 6.18 2.59
CA LEU A 196 -18.11 7.05 1.99
C LEU A 196 -17.58 6.48 0.70
N PHE A 197 -17.23 5.18 0.68
CA PHE A 197 -16.69 4.61 -0.54
C PHE A 197 -17.69 4.70 -1.70
N THR A 198 -18.99 4.54 -1.45
N THR A 198 -18.98 4.50 -1.35
CA THR A 198 -19.85 4.53 -2.64
CA THR A 198 -20.04 4.62 -2.33
C THR A 198 -20.05 5.97 -3.09
C THR A 198 -20.10 6.05 -2.88
N GLN A 199 -20.07 6.96 -2.17
N GLN A 199 -20.01 7.04 -1.98
CA GLN A 199 -20.10 8.37 -2.57
CA GLN A 199 -20.04 8.43 -2.44
C GLN A 199 -18.89 8.74 -3.41
C GLN A 199 -18.90 8.70 -3.42
N VAL A 200 -17.70 8.28 -3.03
CA VAL A 200 -16.52 8.49 -3.82
C VAL A 200 -16.66 7.85 -5.20
N TRP A 201 -17.12 6.60 -5.23
CA TRP A 201 -17.35 5.88 -6.49
C TRP A 201 -18.34 6.62 -7.37
N GLN A 202 -19.46 7.07 -6.78
CA GLN A 202 -20.45 7.83 -7.52
C GLN A 202 -19.88 9.13 -8.08
N ASN A 203 -19.12 9.86 -7.28
CA ASN A 203 -18.61 11.15 -7.75
C ASN A 203 -17.63 11.03 -8.89
N ALA A 204 -16.93 9.87 -8.99
CA ALA A 204 -16.03 9.60 -10.08
C ALA A 204 -16.70 8.91 -11.24
N GLY A 205 -18.02 8.88 -11.26
CA GLY A 205 -18.77 8.38 -12.40
C GLY A 205 -18.84 6.85 -12.45
N LYS A 206 -18.52 6.17 -11.35
CA LYS A 206 -18.67 4.71 -11.30
C LYS A 206 -17.84 4.05 -12.39
N SER A 207 -16.70 4.65 -12.78
CA SER A 207 -15.92 4.05 -13.86
C SER A 207 -15.64 2.58 -13.58
N PRO A 208 -15.75 1.70 -14.55
CA PRO A 208 -15.46 0.27 -14.28
C PRO A 208 -13.98 0.02 -13.99
N PHE A 209 -13.12 0.99 -14.28
CA PHE A 209 -11.72 0.87 -13.87
C PHE A 209 -11.54 1.00 -12.36
N ILE A 210 -12.53 1.53 -11.66
CA ILE A 210 -12.48 1.57 -10.19
C ILE A 210 -12.97 0.20 -9.72
N LYS A 211 -12.03 -0.70 -9.49
CA LYS A 211 -12.37 -2.09 -9.24
C LYS A 211 -12.87 -2.31 -7.83
N GLY A 212 -12.34 -1.55 -6.88
CA GLY A 212 -12.70 -1.79 -5.50
C GLY A 212 -11.70 -1.13 -4.58
N LEU A 213 -11.31 -1.90 -3.56
CA LEU A 213 -10.65 -1.37 -2.38
C LEU A 213 -9.37 -2.18 -2.08
N ALA A 214 -8.40 -1.47 -1.48
CA ALA A 214 -7.21 -2.11 -0.95
C ALA A 214 -7.27 -2.10 0.58
N THR A 215 -6.82 -3.18 1.21
CA THR A 215 -6.82 -3.24 2.66
C THR A 215 -5.46 -3.70 3.18
N ASN A 216 -5.26 -3.36 4.47
CA ASN A 216 -4.05 -3.69 5.21
C ASN A 216 -2.78 -3.04 4.68
N VAL A 217 -2.91 -1.98 3.88
CA VAL A 217 -1.72 -1.36 3.29
C VAL A 217 -0.86 -0.80 4.41
N ALA A 218 0.42 -1.20 4.40
CA ALA A 218 1.37 -0.78 5.42
C ALA A 218 1.00 -1.26 6.82
N ASN A 219 0.11 -2.24 6.92
CA ASN A 219 -0.20 -2.79 8.23
C ASN A 219 0.25 -4.25 8.27
N TYR A 220 -0.23 -4.96 9.30
CA TYR A 220 0.40 -6.22 9.71
C TYR A 220 -0.64 -7.28 10.01
N ASN A 221 -1.91 -7.03 9.67
CA ASN A 221 -2.96 -7.98 10.05
C ASN A 221 -2.84 -9.25 9.22
N ALA A 222 -3.38 -10.32 9.79
CA ALA A 222 -3.53 -11.55 9.02
C ALA A 222 -4.64 -11.35 7.98
N LEU A 223 -4.51 -12.08 6.87
CA LEU A 223 -5.66 -12.27 5.98
C LEU A 223 -6.62 -13.27 6.61
N GLN A 224 -6.12 -14.45 6.92
N GLN A 224 -6.14 -14.42 7.01
CA GLN A 224 -6.86 -15.47 7.65
CA GLN A 224 -6.99 -15.42 7.67
C GLN A 224 -6.04 -15.93 8.84
C GLN A 224 -6.16 -15.97 8.82
N ALA A 225 -6.50 -15.51 10.00
CA ALA A 225 -5.71 -15.81 11.23
C ALA A 225 -6.07 -17.15 11.75
N ALA A 226 -5.10 -17.88 12.25
CA ALA A 226 -5.31 -19.12 12.90
C ALA A 226 -6.12 -18.99 14.18
N SER A 227 -5.98 -17.91 14.89
CA SER A 227 -6.63 -17.56 16.14
C SER A 227 -6.56 -16.03 16.25
N PRO A 228 -7.56 -15.40 16.81
CA PRO A 228 -7.56 -13.92 16.87
C PRO A 228 -6.36 -13.39 17.63
N ASP A 229 -5.70 -12.39 17.06
CA ASP A 229 -4.64 -11.70 17.79
C ASP A 229 -5.27 -11.01 19.00
N PRO A 230 -4.70 -11.08 20.19
CA PRO A 230 -5.35 -10.46 21.35
C PRO A 230 -5.57 -8.98 21.21
N ILE A 231 -4.86 -8.27 20.31
CA ILE A 231 -5.16 -6.87 20.11
C ILE A 231 -6.57 -6.62 19.59
N THR A 232 -7.22 -7.65 19.08
CA THR A 232 -8.50 -7.50 18.37
C THR A 232 -9.72 -7.60 19.27
N GLN A 233 -9.52 -7.76 20.60
CA GLN A 233 -10.64 -7.97 21.49
C GLN A 233 -11.69 -6.88 21.32
N GLY A 234 -12.93 -7.34 21.23
CA GLY A 234 -14.07 -6.47 21.03
C GLY A 234 -14.56 -6.39 19.60
N ASN A 235 -13.69 -6.80 18.66
CA ASN A 235 -14.00 -6.70 17.21
C ASN A 235 -14.10 -8.13 16.67
N PRO A 236 -15.27 -8.59 16.25
CA PRO A 236 -15.37 -9.93 15.67
C PRO A 236 -14.62 -10.06 14.35
N ASN A 237 -14.32 -8.94 13.70
CA ASN A 237 -13.60 -8.98 12.43
C ASN A 237 -12.12 -8.80 12.72
N TYR A 238 -11.49 -9.93 13.10
CA TYR A 238 -10.15 -9.91 13.66
C TYR A 238 -9.04 -10.06 12.60
N ASP A 239 -9.43 -10.25 11.35
CA ASP A 239 -8.49 -10.39 10.25
C ASP A 239 -9.12 -9.79 9.01
N GLU A 240 -8.32 -9.71 7.94
CA GLU A 240 -8.83 -9.00 6.76
C GLU A 240 -9.95 -9.76 6.09
N ILE A 241 -9.91 -11.10 6.09
N ILE A 241 -9.96 -11.09 6.08
CA ILE A 241 -11.03 -11.76 5.35
CA ILE A 241 -11.05 -11.84 5.46
C ILE A 241 -12.33 -11.51 6.11
C ILE A 241 -12.39 -11.52 6.13
N HIS A 242 -12.35 -11.44 7.46
CA HIS A 242 -13.59 -11.11 8.14
C HIS A 242 -14.08 -9.69 7.81
N TYR A 243 -13.12 -8.74 7.78
CA TYR A 243 -13.47 -7.36 7.41
C TYR A 243 -14.10 -7.33 6.01
N ILE A 244 -13.41 -7.94 5.05
CA ILE A 244 -13.89 -7.87 3.65
C ILE A 244 -15.22 -8.58 3.50
N ASN A 245 -15.36 -9.76 4.15
CA ASN A 245 -16.63 -10.47 4.08
C ASN A 245 -17.77 -9.63 4.63
N ALA A 246 -17.49 -8.82 5.63
CA ALA A 246 -18.52 -8.00 6.26
C ALA A 246 -18.81 -6.71 5.44
N LEU A 247 -17.77 -6.12 4.84
CA LEU A 247 -17.94 -4.88 4.10
C LEU A 247 -18.55 -5.10 2.73
N ALA A 248 -18.10 -6.12 2.02
CA ALA A 248 -18.48 -6.27 0.62
C ALA A 248 -19.98 -6.31 0.42
N PRO A 249 -20.77 -6.99 1.24
CA PRO A 249 -22.25 -6.97 1.00
C PRO A 249 -22.88 -5.60 1.15
N LEU A 250 -22.27 -4.72 1.94
CA LEU A 250 -22.81 -3.35 2.05
C LEU A 250 -22.56 -2.62 0.77
N LEU A 251 -21.38 -2.79 0.18
CA LEU A 251 -21.11 -2.16 -1.11
C LEU A 251 -22.04 -2.72 -2.16
N GLN A 252 -22.25 -4.05 -2.13
CA GLN A 252 -23.15 -4.65 -3.12
C GLN A 252 -24.53 -4.12 -3.00
N GLN A 253 -25.06 -3.91 -1.79
CA GLN A 253 -26.38 -3.29 -1.57
C GLN A 253 -26.44 -1.89 -2.13
N ALA A 254 -25.35 -1.15 -2.05
CA ALA A 254 -25.25 0.20 -2.53
C ALA A 254 -25.02 0.28 -4.03
N GLY A 255 -24.99 -0.86 -4.70
CA GLY A 255 -24.91 -0.93 -6.13
C GLY A 255 -23.60 -1.27 -6.71
N TRP A 256 -22.58 -1.53 -5.86
CA TRP A 256 -21.23 -1.71 -6.39
C TRP A 256 -20.63 -3.06 -5.93
N ASP A 257 -20.42 -3.94 -6.92
N ASP A 257 -20.47 -3.98 -6.90
CA ASP A 257 -19.91 -5.26 -6.56
CA ASP A 257 -19.83 -5.27 -6.65
C ASP A 257 -18.38 -5.16 -6.59
C ASP A 257 -18.30 -5.14 -6.63
N ALA A 258 -17.84 -4.48 -5.60
CA ALA A 258 -16.42 -4.17 -5.49
C ALA A 258 -15.60 -5.45 -5.23
N THR A 259 -14.35 -5.45 -5.71
CA THR A 259 -13.38 -6.44 -5.34
C THR A 259 -12.23 -5.77 -4.60
N PHE A 260 -11.31 -6.61 -4.11
CA PHE A 260 -10.36 -6.17 -3.09
C PHE A 260 -8.98 -6.70 -3.40
N ILE A 261 -7.97 -5.96 -2.91
CA ILE A 261 -6.60 -6.49 -2.79
C ILE A 261 -6.16 -6.28 -1.35
N VAL A 262 -5.30 -7.18 -0.88
CA VAL A 262 -4.91 -7.17 0.53
C VAL A 262 -3.39 -7.23 0.63
N ASP A 263 -2.81 -6.22 1.29
CA ASP A 263 -1.36 -6.23 1.57
C ASP A 263 -1.05 -7.33 2.59
N GLN A 264 -0.07 -8.16 2.29
CA GLN A 264 0.46 -9.13 3.23
C GLN A 264 1.98 -9.03 3.36
N GLY A 265 2.56 -7.96 2.85
CA GLY A 265 4.02 -7.86 2.83
C GLY A 265 4.69 -7.81 4.18
N ARG A 266 3.98 -7.44 5.25
CA ARG A 266 4.56 -7.47 6.58
C ARG A 266 3.66 -8.22 7.55
N SER A 267 2.97 -9.27 7.05
CA SER A 267 2.00 -10.01 7.84
C SER A 267 2.43 -11.40 8.23
N GLY A 268 3.68 -11.78 7.97
CA GLY A 268 4.12 -13.13 8.28
C GLY A 268 4.10 -13.48 9.76
N VAL A 269 4.24 -12.50 10.62
CA VAL A 269 4.31 -12.73 12.07
C VAL A 269 3.16 -11.99 12.71
N GLN A 270 2.28 -12.73 13.36
CA GLN A 270 1.15 -12.21 14.09
C GLN A 270 1.46 -12.08 15.57
N ASN A 271 0.55 -11.39 16.31
CA ASN A 271 0.66 -11.34 17.76
C ASN A 271 1.96 -10.67 18.21
N ILE A 272 2.28 -9.53 17.59
CA ILE A 272 3.50 -8.77 17.89
C ILE A 272 3.21 -7.34 18.28
N ARG A 273 1.98 -7.02 18.68
CA ARG A 273 1.63 -5.66 19.06
C ARG A 273 0.96 -5.61 20.42
N GLN A 274 1.23 -4.52 21.16
CA GLN A 274 0.49 -4.24 22.38
C GLN A 274 -0.95 -3.86 22.10
N GLN A 275 -1.13 -2.86 21.21
CA GLN A 275 -2.47 -2.41 20.84
C GLN A 275 -2.55 -2.41 19.32
N TRP A 276 -3.81 -2.57 18.85
CA TRP A 276 -4.01 -2.70 17.42
C TRP A 276 -3.54 -1.49 16.67
N GLY A 277 -3.68 -0.31 17.28
CA GLY A 277 -3.31 0.94 16.66
C GLY A 277 -1.81 1.19 16.57
N ASP A 278 -1.00 0.24 17.01
CA ASP A 278 0.46 0.39 16.88
C ASP A 278 0.83 0.04 15.43
N TRP A 279 1.17 1.05 14.65
CA TRP A 279 1.39 0.88 13.21
C TRP A 279 2.83 1.07 12.77
N CYS A 280 3.69 1.59 13.65
CA CYS A 280 4.97 2.11 13.20
C CYS A 280 6.12 1.14 13.43
N ASN A 281 6.73 0.67 12.31
CA ASN A 281 7.94 -0.14 12.37
C ASN A 281 7.83 -1.28 13.39
N ILE A 282 6.76 -2.07 13.29
CA ILE A 282 6.49 -3.02 14.37
C ILE A 282 7.57 -4.08 14.39
N LYS A 283 8.07 -4.27 15.59
N LYS A 283 8.25 -4.23 15.53
CA LYS A 283 9.30 -5.08 15.73
CA LYS A 283 9.40 -5.09 15.74
C LYS A 283 9.01 -6.58 15.63
C LYS A 283 8.99 -6.56 15.56
N GLY A 284 9.87 -7.27 14.89
CA GLY A 284 9.66 -8.69 14.68
C GLY A 284 8.76 -9.01 13.52
N ALA A 285 8.30 -8.03 12.77
CA ALA A 285 7.48 -8.37 11.61
C ALA A 285 8.30 -9.19 10.63
N GLY A 286 7.56 -10.06 9.90
CA GLY A 286 8.13 -10.88 8.87
C GLY A 286 7.39 -10.69 7.55
N PHE A 287 8.10 -10.91 6.44
CA PHE A 287 7.41 -10.96 5.15
C PHE A 287 6.32 -12.02 5.23
N GLY A 288 5.17 -11.73 4.64
CA GLY A 288 4.05 -12.65 4.67
C GLY A 288 3.84 -13.34 3.31
N THR A 289 2.60 -13.82 3.14
CA THR A 289 2.22 -14.55 1.95
C THR A 289 2.64 -13.78 0.72
N ARG A 290 3.26 -14.52 -0.24
N ARG A 290 3.34 -14.42 -0.24
CA ARG A 290 3.68 -13.81 -1.44
CA ARG A 290 3.75 -13.73 -1.44
C ARG A 290 2.48 -13.39 -2.29
C ARG A 290 2.53 -13.42 -2.32
N PRO A 291 2.62 -12.37 -3.11
CA PRO A 291 1.51 -11.97 -3.96
C PRO A 291 1.00 -13.13 -4.83
N THR A 292 -0.31 -13.20 -4.94
CA THR A 292 -0.97 -14.27 -5.69
C THR A 292 -2.46 -13.92 -5.88
N THR A 293 -2.99 -14.41 -6.99
CA THR A 293 -4.42 -14.36 -7.20
C THR A 293 -5.15 -15.55 -6.61
N ASN A 294 -4.43 -16.47 -5.96
CA ASN A 294 -5.03 -17.57 -5.21
C ASN A 294 -5.31 -17.07 -3.80
N THR A 295 -6.48 -16.41 -3.63
CA THR A 295 -6.73 -15.58 -2.46
C THR A 295 -7.61 -16.21 -1.39
N GLY A 296 -8.33 -17.25 -1.76
CA GLY A 296 -9.23 -17.87 -0.77
C GLY A 296 -10.57 -17.19 -0.70
N SER A 297 -10.88 -16.16 -1.50
CA SER A 297 -12.13 -15.43 -1.36
C SER A 297 -12.64 -14.91 -2.66
N GLN A 298 -13.97 -15.01 -2.86
CA GLN A 298 -14.65 -14.45 -3.99
C GLN A 298 -14.37 -12.93 -4.12
N PHE A 299 -14.15 -12.26 -3.01
CA PHE A 299 -14.05 -10.81 -3.07
C PHE A 299 -12.66 -10.32 -3.38
N ILE A 300 -11.63 -11.18 -3.30
CA ILE A 300 -10.25 -10.72 -3.30
C ILE A 300 -9.59 -11.11 -4.61
N ASP A 301 -9.20 -10.11 -5.38
CA ASP A 301 -8.52 -10.32 -6.65
C ASP A 301 -7.07 -10.78 -6.45
N SER A 302 -6.39 -10.19 -5.44
CA SER A 302 -5.00 -10.57 -5.23
C SER A 302 -4.60 -10.24 -3.78
N ILE A 303 -3.74 -11.14 -3.28
CA ILE A 303 -2.83 -10.78 -2.19
C ILE A 303 -1.68 -10.01 -2.85
N VAL A 304 -1.26 -8.92 -2.23
CA VAL A 304 -0.26 -8.02 -2.83
C VAL A 304 0.73 -7.63 -1.75
N TRP A 305 1.84 -7.06 -2.18
CA TRP A 305 2.81 -6.41 -1.28
C TRP A 305 2.82 -4.93 -1.68
N VAL A 306 2.09 -4.13 -0.88
CA VAL A 306 1.92 -2.71 -1.20
C VAL A 306 3.01 -1.90 -0.51
N LYS A 307 3.03 -1.90 0.84
CA LYS A 307 4.15 -1.30 1.56
C LYS A 307 5.41 -2.12 1.34
N PRO A 308 6.51 -1.54 0.89
CA PRO A 308 7.70 -2.35 0.59
C PRO A 308 8.48 -2.52 1.89
N GLY A 309 8.53 -3.75 2.38
CA GLY A 309 9.17 -4.01 3.68
C GLY A 309 10.63 -3.65 3.65
N GLY A 310 11.05 -2.90 4.67
CA GLY A 310 12.37 -2.30 4.74
C GLY A 310 12.35 -0.81 4.62
N GLU A 311 11.33 -0.26 3.97
CA GLU A 311 11.16 1.18 3.91
C GLU A 311 10.44 1.62 5.21
N CYS A 312 11.03 2.57 5.91
CA CYS A 312 10.57 2.91 7.26
C CYS A 312 9.17 3.53 7.24
N ASP A 313 8.49 3.41 8.37
CA ASP A 313 7.20 4.09 8.58
C ASP A 313 7.31 5.43 9.26
N GLY A 314 8.46 5.74 9.85
CA GLY A 314 8.54 6.95 10.65
C GLY A 314 9.75 6.93 11.56
N THR A 315 10.26 8.16 11.81
CA THR A 315 11.42 8.32 12.68
C THR A 315 11.05 8.17 14.14
N SER A 316 12.00 7.61 14.90
CA SER A 316 11.88 7.60 16.35
C SER A 316 12.53 8.80 17.00
N ASN A 317 13.14 9.69 16.22
CA ASN A 317 13.85 10.84 16.79
C ASN A 317 12.89 11.97 17.10
N SER A 318 12.74 12.30 18.39
CA SER A 318 11.74 13.26 18.83
C SER A 318 12.16 14.69 18.49
N SER A 319 13.33 14.89 17.96
CA SER A 319 13.73 16.21 17.39
C SER A 319 13.26 16.49 15.98
N SER A 320 12.77 15.44 15.31
CA SER A 320 12.30 15.64 13.95
C SER A 320 10.94 16.25 13.93
N PRO A 321 10.63 17.14 12.98
CA PRO A 321 9.27 17.63 12.82
C PRO A 321 8.27 16.53 12.48
N ARG A 322 8.76 15.37 11.99
CA ARG A 322 7.90 14.26 11.67
C ARG A 322 7.89 13.18 12.73
N TYR A 323 8.33 13.51 13.95
CA TYR A 323 8.24 12.54 15.04
C TYR A 323 6.76 12.32 15.47
N ASP A 324 6.40 11.05 15.49
CA ASP A 324 5.13 10.59 16.01
C ASP A 324 5.42 9.62 17.14
N SER A 325 4.82 9.82 18.32
CA SER A 325 5.09 8.94 19.46
C SER A 325 4.79 7.50 19.17
N THR A 326 3.95 7.18 18.19
CA THR A 326 3.71 5.78 17.84
C THR A 326 5.03 5.08 17.45
N CYS A 327 5.95 5.86 16.90
CA CYS A 327 7.21 5.34 16.39
C CYS A 327 8.27 5.21 17.45
N SER A 328 7.93 5.46 18.73
CA SER A 328 8.84 5.12 19.81
C SER A 328 8.17 4.28 20.88
N LEU A 329 7.04 3.63 20.53
CA LEU A 329 6.41 2.66 21.45
C LEU A 329 7.31 1.47 21.67
N PRO A 330 7.02 0.68 22.71
CA PRO A 330 7.83 -0.49 22.97
C PRO A 330 7.87 -1.51 21.83
N ASP A 331 6.82 -1.59 21.02
CA ASP A 331 6.79 -2.54 19.90
C ASP A 331 7.25 -1.87 18.58
N ALA A 332 7.81 -0.68 18.66
CA ALA A 332 8.32 0.02 17.45
C ALA A 332 9.84 -0.11 17.45
N ALA A 333 10.39 -0.62 16.36
CA ALA A 333 11.85 -0.78 16.27
C ALA A 333 12.53 0.58 16.34
N GLN A 334 13.57 0.71 17.16
N GLN A 334 13.58 0.57 17.18
CA GLN A 334 14.27 1.95 17.49
CA GLN A 334 14.15 1.92 17.35
C GLN A 334 15.75 1.70 17.64
C GLN A 334 15.63 1.77 17.61
N PRO A 335 16.55 2.67 17.23
CA PRO A 335 16.18 3.89 16.52
C PRO A 335 15.76 3.61 15.07
N ALA A 336 14.90 4.46 14.57
CA ALA A 336 14.32 4.33 13.22
C ALA A 336 14.53 5.64 12.48
N PRO A 337 14.82 5.56 11.17
CA PRO A 337 15.06 6.76 10.34
C PRO A 337 13.72 7.34 9.84
N GLU A 338 13.83 8.38 8.99
CA GLU A 338 12.63 9.01 8.48
C GLU A 338 11.78 8.05 7.66
N ALA A 339 10.47 8.27 7.70
CA ALA A 339 9.55 7.48 6.89
C ALA A 339 9.98 7.54 5.43
N GLY A 340 9.86 6.34 4.83
CA GLY A 340 10.19 6.21 3.40
C GLY A 340 11.63 5.94 3.10
N THR A 341 12.50 6.08 4.08
CA THR A 341 13.92 5.79 3.89
C THR A 341 14.21 4.34 4.33
N TRP A 342 15.35 3.82 3.89
CA TRP A 342 15.65 2.42 4.14
C TRP A 342 16.08 2.17 5.59
N PHE A 343 15.55 1.08 6.14
CA PHE A 343 15.79 0.66 7.51
C PHE A 343 16.37 -0.77 7.47
N GLN A 344 17.70 -0.84 7.36
CA GLN A 344 18.36 -2.08 7.04
C GLN A 344 18.07 -3.20 8.07
N ALA A 345 18.19 -2.85 9.37
CA ALA A 345 17.99 -3.93 10.38
C ALA A 345 16.58 -4.48 10.31
N TYR A 346 15.60 -3.59 9.99
CA TYR A 346 14.23 -3.99 9.91
C TYR A 346 14.03 -4.93 8.73
N PHE A 347 14.63 -4.60 7.60
CA PHE A 347 14.63 -5.52 6.43
C PHE A 347 15.23 -6.88 6.78
N GLN A 348 16.31 -6.82 7.56
N GLN A 348 16.42 -6.89 7.38
CA GLN A 348 17.06 -8.01 7.94
CA GLN A 348 16.94 -8.22 7.66
C GLN A 348 16.14 -8.96 8.68
C GLN A 348 16.02 -9.02 8.56
N THR A 349 15.37 -8.42 9.57
CA THR A 349 14.43 -9.22 10.37
C THR A 349 13.23 -9.67 9.55
N LEU A 350 12.72 -8.82 8.63
CA LEU A 350 11.65 -9.28 7.75
C LEU A 350 12.03 -10.54 6.99
N VAL A 351 13.30 -10.59 6.53
CA VAL A 351 13.80 -11.76 5.82
C VAL A 351 13.88 -12.96 6.77
N SER A 352 14.47 -12.85 7.97
N SER A 352 14.53 -12.69 7.91
CA SER A 352 14.63 -13.99 8.88
CA SER A 352 14.68 -13.78 8.87
C SER A 352 13.29 -14.51 9.41
C SER A 352 13.35 -14.41 9.28
N ALA A 353 12.37 -13.57 9.55
CA ALA A 353 11.08 -13.91 10.14
C ALA A 353 10.03 -14.20 9.10
N ALA A 354 10.37 -14.26 7.79
CA ALA A 354 9.38 -14.48 6.74
C ALA A 354 8.59 -15.74 7.02
N ASN A 355 7.30 -15.66 6.76
CA ASN A 355 6.41 -16.79 6.96
C ASN A 355 5.34 -16.71 5.85
N PRO A 356 5.32 -17.59 4.86
CA PRO A 356 6.21 -18.75 4.73
C PRO A 356 7.67 -18.35 4.57
N PRO A 357 8.62 -19.21 4.90
CA PRO A 357 10.05 -18.82 4.75
C PRO A 357 10.35 -18.50 3.29
N LEU A 358 11.34 -17.65 3.10
CA LEU A 358 11.89 -17.43 1.76
C LEU A 358 12.74 -18.57 1.33
#